data_6FI2
#
_entry.id   6FI2
#
_cell.length_a   94.680
_cell.length_b   94.680
_cell.length_c   78.840
_cell.angle_alpha   90.00
_cell.angle_beta   90.00
_cell.angle_gamma   90.00
#
_symmetry.space_group_name_H-M   'P 42 21 2'
#
loop_
_entity.id
_entity.type
_entity.pdbx_description
1 polymer VexL
2 branched '2-acetamido-2-deoxy-alpha-D-galactopyranuronic acid-(1-4)-3-O-acetyl-2-acetamido-2-deoxy-alpha-D-galactopyranuronic acid-(1-4)-3-O-acetyl-2-acetamido-2-deoxy-alpha-D-galactopyranuronic acid'
3 non-polymer 'MALONATE ION'
4 water water
#
_entity_poly.entity_id   1
_entity_poly.type   'polypeptide(L)'
_entity_poly.pdbx_seq_one_letter_code
;MRLRKTVMVWLLTLTGLYGGAAAASGQCAAPDEHCPFVASLLAQREGYGAKATGGLGGKFIEVTSDQDAGPGTLRAALAQ
ARKGPAWIRFASDMTIVLKTQLRVPSNTTIDGRGKRVALIDDGLGVYGAKNVILTHLTIDGRLTRLTQAVNVANDSRDVW
VDHMDLSRMSDRLLNVKNGSTDVTISWTKFHNSNKVMLLNNITSKNLFQNYERDSIARVTLHHNYFFNTVQRNPRAQFGT
FHLFNNLLENWDFYGMSFSLEAKALVEGNIFNNDAQRKCVEPEFYPTVEGINVNYCRYIPIAPARSALDNGDSDRGAYEK
RKADHGYTRDFKAFLRLKDNLYLGDAKPVLKDYRPESAPTPSYCYGYEKATPELAEKIRKFAGNTSGDTPLPATRTGAGC
PGHHHHHH
;
_entity_poly.pdbx_strand_id   A
#
loop_
_chem_comp.id
_chem_comp.type
_chem_comp.name
_chem_comp.formula
DJB D-saccharide, alpha linking '3-O-acetyl-2-acetamido-2-deoxy-alpha-D-galactopyranuronic acid' 'C10 H15 N O8'
DJE D-saccharide, alpha linking '2-acetamido-2-deoxy-alpha-D-galactopyranuronic acid' 'C8 H13 N O7'
MLI non-polymer 'MALONATE ION' 'C3 H2 O4 -2'
#
# COMPACT_ATOMS: atom_id res chain seq x y z
N CYS A 28 11.55 -27.96 6.93
CA CYS A 28 11.62 -26.56 7.48
C CYS A 28 12.34 -26.41 8.82
N ALA A 29 13.56 -26.92 8.87
CA ALA A 29 14.51 -26.52 9.90
C ALA A 29 15.02 -25.11 9.62
N ALA A 30 14.96 -24.67 8.36
CA ALA A 30 15.40 -23.34 7.98
C ALA A 30 14.56 -22.86 6.81
N PRO A 31 14.53 -21.53 6.61
CA PRO A 31 13.69 -20.94 5.59
C PRO A 31 14.35 -20.98 4.22
N ASP A 32 14.52 -22.17 3.69
CA ASP A 32 15.15 -22.33 2.37
C ASP A 32 14.10 -22.68 1.33
N GLU A 33 14.53 -22.75 0.08
CA GLU A 33 13.61 -23.01 -1.04
C GLU A 33 12.95 -24.39 -0.96
N HIS A 34 13.49 -25.29 -0.15
CA HIS A 34 12.88 -26.62 0.06
C HIS A 34 11.79 -26.67 1.14
N CYS A 35 11.62 -25.58 1.88
CA CYS A 35 10.59 -25.52 2.91
C CYS A 35 9.26 -25.18 2.23
N PRO A 36 8.25 -26.07 2.31
CA PRO A 36 7.06 -25.83 1.48
C PRO A 36 6.32 -24.50 1.70
N PHE A 37 6.24 -24.02 2.94
CA PHE A 37 5.56 -22.74 3.16
C PHE A 37 6.38 -21.52 2.73
N VAL A 38 7.70 -21.67 2.61
CA VAL A 38 8.52 -20.64 2.02
C VAL A 38 8.26 -20.65 0.51
N ALA A 39 8.35 -21.84 -0.10
CA ALA A 39 8.18 -21.95 -1.54
C ALA A 39 6.80 -21.47 -1.97
N SER A 40 5.77 -21.81 -1.18
CA SER A 40 4.40 -21.41 -1.53
C SER A 40 4.20 -19.92 -1.52
N LEU A 41 4.80 -19.27 -0.53
CA LEU A 41 4.72 -17.82 -0.49
C LEU A 41 5.46 -17.19 -1.68
N LEU A 42 6.70 -17.64 -1.91
CA LEU A 42 7.49 -17.00 -2.96
C LEU A 42 6.90 -17.21 -4.37
N ALA A 43 6.13 -18.27 -4.56
CA ALA A 43 5.42 -18.51 -5.80
C ALA A 43 4.33 -17.46 -6.14
N GLN A 44 3.93 -16.67 -5.15
CA GLN A 44 2.89 -15.66 -5.34
C GLN A 44 3.43 -14.29 -5.71
N ARG A 45 4.75 -14.12 -5.80
CA ARG A 45 5.33 -12.82 -6.08
C ARG A 45 5.03 -12.34 -7.49
N GLU A 46 4.67 -11.05 -7.58
CA GLU A 46 4.62 -10.40 -8.89
C GLU A 46 4.73 -8.88 -8.70
N GLY A 47 5.10 -8.24 -9.80
CA GLY A 47 5.18 -6.78 -9.78
C GLY A 47 6.58 -6.28 -9.46
N TYR A 48 6.66 -4.98 -9.19
CA TYR A 48 7.94 -4.35 -8.98
C TYR A 48 8.65 -4.83 -7.73
N GLY A 49 7.92 -5.38 -6.76
CA GLY A 49 8.52 -5.95 -5.56
C GLY A 49 8.80 -7.47 -5.65
N ALA A 50 8.67 -8.06 -6.84
CA ALA A 50 8.71 -9.51 -7.01
C ALA A 50 10.06 -10.14 -6.77
N LYS A 51 11.13 -9.35 -6.70
CA LYS A 51 12.45 -9.90 -6.41
C LYS A 51 12.68 -10.14 -4.93
N ALA A 52 11.81 -9.59 -4.08
CA ALA A 52 11.99 -9.77 -2.64
C ALA A 52 11.88 -11.23 -2.22
N THR A 53 12.84 -11.69 -1.41
CA THR A 53 12.81 -13.02 -0.81
C THR A 53 12.87 -12.98 0.72
N GLY A 54 12.99 -11.76 1.29
CA GLY A 54 13.03 -11.58 2.74
C GLY A 54 14.14 -12.38 3.37
N GLY A 55 13.77 -13.20 4.36
CA GLY A 55 14.75 -14.00 5.09
C GLY A 55 15.13 -15.32 4.47
N LEU A 56 14.83 -15.53 3.17
CA LEU A 56 15.19 -16.75 2.47
C LEU A 56 16.66 -17.08 2.69
N GLY A 57 16.91 -18.32 3.05
CA GLY A 57 18.28 -18.79 3.24
C GLY A 57 18.94 -18.43 4.56
N GLY A 58 18.19 -17.77 5.45
CA GLY A 58 18.66 -17.40 6.77
C GLY A 58 18.15 -18.34 7.84
N LYS A 59 17.72 -17.75 8.96
CA LYS A 59 17.25 -18.49 10.13
C LYS A 59 15.81 -18.18 10.41
N PHE A 60 15.10 -19.16 10.94
CA PHE A 60 13.80 -18.90 11.55
C PHE A 60 13.99 -18.27 12.93
N ILE A 61 13.14 -17.28 13.25
CA ILE A 61 13.01 -16.79 14.62
C ILE A 61 11.53 -16.88 14.96
N GLU A 62 11.20 -17.56 16.05
CA GLU A 62 9.81 -17.74 16.47
C GLU A 62 9.56 -16.80 17.63
N VAL A 63 8.59 -15.89 17.43
CA VAL A 63 8.13 -14.95 18.46
C VAL A 63 7.24 -15.75 19.43
N THR A 64 7.61 -15.71 20.72
CA THR A 64 6.92 -16.45 21.77
C THR A 64 6.32 -15.55 22.85
N SER A 65 6.57 -14.24 22.80
CA SER A 65 6.00 -13.26 23.71
C SER A 65 5.28 -12.19 22.91
N ASP A 66 4.13 -11.79 23.42
CA ASP A 66 3.35 -10.72 22.81
C ASP A 66 3.66 -9.31 23.34
N GLN A 67 4.71 -9.17 24.15
CA GLN A 67 5.04 -7.86 24.71
C GLN A 67 5.69 -6.91 23.72
N ASP A 68 5.65 -5.63 24.04
CA ASP A 68 6.28 -4.60 23.21
C ASP A 68 7.80 -4.84 23.11
N ALA A 69 8.41 -5.22 24.23
CA ALA A 69 9.85 -5.44 24.28
C ALA A 69 10.10 -6.55 25.28
N GLY A 70 11.25 -7.20 25.14
CA GLY A 70 11.61 -8.27 26.05
C GLY A 70 12.01 -9.54 25.34
N PRO A 71 12.38 -10.56 26.11
CA PRO A 71 12.78 -11.82 25.48
C PRO A 71 11.65 -12.43 24.70
N GLY A 72 11.97 -12.91 23.52
CA GLY A 72 10.98 -13.62 22.70
C GLY A 72 9.98 -12.76 21.98
N THR A 73 10.15 -11.44 22.04
CA THR A 73 9.21 -10.50 21.40
C THR A 73 9.52 -10.27 19.93
N LEU A 74 8.56 -9.68 19.25
CA LEU A 74 8.78 -9.27 17.87
C LEU A 74 9.89 -8.22 17.76
N ARG A 75 9.88 -7.26 18.69
CA ARG A 75 10.94 -6.26 18.72
C ARG A 75 12.33 -6.90 18.90
N ALA A 76 12.41 -7.87 19.81
CA ALA A 76 13.68 -8.58 20.00
C ALA A 76 14.08 -9.37 18.75
N ALA A 77 13.10 -9.97 18.06
CA ALA A 77 13.37 -10.74 16.85
C ALA A 77 13.93 -9.80 15.78
N LEU A 78 13.35 -8.61 15.65
CA LEU A 78 13.80 -7.66 14.63
C LEU A 78 15.20 -7.13 14.93
N ALA A 79 15.53 -7.01 16.21
CA ALA A 79 16.89 -6.70 16.55
C ALA A 79 17.84 -7.82 16.13
N GLN A 80 17.48 -9.05 16.42
CA GLN A 80 18.28 -10.19 15.97
C GLN A 80 18.42 -10.27 14.45
N ALA A 81 17.36 -9.86 13.75
CA ALA A 81 17.35 -9.85 12.31
C ALA A 81 18.37 -8.86 11.70
N ARG A 82 18.85 -7.88 12.49
CA ARG A 82 19.88 -6.99 12.02
C ARG A 82 21.18 -7.75 11.71
N LYS A 83 21.36 -8.91 12.32
CA LYS A 83 22.61 -9.65 12.23
C LYS A 83 22.71 -10.54 11.01
N GLY A 84 21.57 -10.85 10.40
CA GLY A 84 21.55 -11.72 9.23
C GLY A 84 20.15 -12.09 8.88
N PRO A 85 19.95 -12.67 7.68
CA PRO A 85 18.61 -12.88 7.18
C PRO A 85 17.76 -13.71 8.15
N ALA A 86 16.52 -13.27 8.34
CA ALA A 86 15.65 -13.89 9.33
C ALA A 86 14.25 -13.99 8.78
N TRP A 87 13.64 -15.13 9.03
CA TRP A 87 12.24 -15.38 8.69
C TRP A 87 11.48 -15.55 9.99
N ILE A 88 10.68 -14.53 10.34
CA ILE A 88 10.08 -14.45 11.65
C ILE A 88 8.65 -14.99 11.58
N ARG A 89 8.37 -15.97 12.44
CA ARG A 89 7.04 -16.58 12.59
C ARG A 89 6.61 -16.43 14.04
N PHE A 90 5.36 -16.80 14.29
CA PHE A 90 4.74 -16.58 15.62
C PHE A 90 4.27 -17.90 16.20
N ALA A 91 4.52 -18.08 17.51
CA ALA A 91 4.20 -19.35 18.16
C ALA A 91 2.71 -19.55 18.42
N SER A 92 1.96 -18.45 18.48
CA SER A 92 0.57 -18.50 18.85
C SER A 92 -0.12 -17.25 18.32
N ASP A 93 -1.45 -17.26 18.35
CA ASP A 93 -2.21 -16.02 18.14
C ASP A 93 -1.78 -15.01 19.21
N MET A 94 -1.64 -13.74 18.82
CA MET A 94 -1.27 -12.74 19.80
C MET A 94 -1.64 -11.35 19.34
N THR A 95 -1.84 -10.51 20.36
CA THR A 95 -2.03 -9.09 20.23
C THR A 95 -0.80 -8.45 20.81
N ILE A 96 -0.13 -7.60 20.02
CA ILE A 96 1.10 -6.97 20.44
C ILE A 96 0.85 -5.46 20.50
N VAL A 97 0.78 -4.93 21.72
CA VAL A 97 0.47 -3.50 21.91
C VAL A 97 1.80 -2.78 21.93
N LEU A 98 2.03 -2.01 20.88
CA LEU A 98 3.33 -1.35 20.66
C LEU A 98 3.36 0.06 21.21
N LYS A 99 4.49 0.39 21.83
CA LYS A 99 4.70 1.73 22.40
C LYS A 99 5.41 2.67 21.48
N THR A 100 6.14 2.09 20.53
CA THR A 100 6.85 2.84 19.50
C THR A 100 6.82 1.97 18.25
N GLN A 101 7.19 2.57 17.14
CA GLN A 101 7.19 1.85 15.87
C GLN A 101 8.34 0.81 15.86
N LEU A 102 8.08 -0.33 15.26
CA LEU A 102 9.09 -1.37 15.05
C LEU A 102 9.92 -1.02 13.83
N ARG A 103 11.23 -1.30 13.86
CA ARG A 103 12.10 -1.06 12.72
C ARG A 103 12.51 -2.39 12.10
N VAL A 104 12.24 -2.53 10.80
CA VAL A 104 12.48 -3.78 10.09
C VAL A 104 13.78 -3.64 9.29
N PRO A 105 14.77 -4.50 9.54
CA PRO A 105 16.02 -4.44 8.78
C PRO A 105 15.95 -5.23 7.46
N SER A 106 17.04 -5.17 6.71
CA SER A 106 17.14 -5.87 5.44
C SER A 106 17.02 -7.37 5.58
N ASN A 107 16.62 -8.02 4.48
CA ASN A 107 16.64 -9.50 4.37
C ASN A 107 15.81 -10.15 5.45
N THR A 108 14.61 -9.60 5.66
CA THR A 108 13.73 -10.05 6.72
C THR A 108 12.34 -10.35 6.18
N THR A 109 11.76 -11.45 6.62
CA THR A 109 10.34 -11.74 6.43
C THR A 109 9.67 -11.69 7.80
N ILE A 110 8.52 -10.98 7.87
CA ILE A 110 7.64 -11.13 9.03
C ILE A 110 6.40 -11.85 8.50
N ASP A 111 6.16 -13.08 9.01
CA ASP A 111 5.21 -14.01 8.42
C ASP A 111 4.21 -14.45 9.47
N GLY A 112 3.02 -13.86 9.43
CA GLY A 112 1.97 -14.24 10.37
C GLY A 112 1.04 -15.35 9.90
N ARG A 113 1.41 -16.08 8.83
CA ARG A 113 0.55 -17.13 8.35
C ARG A 113 0.35 -18.24 9.39
N GLY A 114 -0.86 -18.77 9.43
CA GLY A 114 -1.23 -19.85 10.35
C GLY A 114 -1.64 -19.40 11.74
N LYS A 115 -1.53 -18.09 11.99
CA LYS A 115 -1.81 -17.49 13.29
C LYS A 115 -2.56 -16.19 13.08
N ARG A 116 -3.19 -15.72 14.16
CA ARG A 116 -3.83 -14.42 14.18
C ARG A 116 -2.96 -13.48 14.99
N VAL A 117 -2.22 -12.62 14.29
CA VAL A 117 -1.27 -11.70 14.91
C VAL A 117 -1.68 -10.27 14.58
N ALA A 118 -1.88 -9.48 15.64
CA ALA A 118 -2.27 -8.09 15.51
C ALA A 118 -1.30 -7.20 16.25
N LEU A 119 -0.80 -6.18 15.56
CA LEU A 119 -0.01 -5.10 16.12
C LEU A 119 -0.96 -3.93 16.37
N ILE A 120 -0.97 -3.46 17.61
CA ILE A 120 -1.90 -2.42 18.06
C ILE A 120 -1.12 -1.17 18.44
N ASP A 121 -1.64 -0.01 18.02
CA ASP A 121 -1.19 1.35 18.41
C ASP A 121 0.03 1.84 17.65
N ASP A 122 0.75 0.93 17.00
CA ASP A 122 1.92 1.37 16.20
C ASP A 122 2.20 0.33 15.14
N GLY A 123 3.15 0.61 14.26
CA GLY A 123 3.35 -0.25 13.12
C GLY A 123 4.81 -0.60 12.83
N LEU A 124 5.12 -0.67 11.53
CA LEU A 124 6.37 -1.17 11.00
C LEU A 124 7.02 -0.08 10.13
N GLY A 125 8.26 0.26 10.45
CA GLY A 125 9.08 1.14 9.63
C GLY A 125 10.14 0.36 8.89
N VAL A 126 10.19 0.56 7.59
CA VAL A 126 11.14 -0.12 6.70
C VAL A 126 12.01 1.00 6.12
N TYR A 127 13.11 1.30 6.83
CA TYR A 127 13.93 2.50 6.61
C TYR A 127 15.30 2.08 6.14
N GLY A 128 15.68 2.52 4.94
CA GLY A 128 17.00 2.17 4.40
C GLY A 128 17.25 0.67 4.34
N ALA A 129 16.20 -0.09 4.05
CA ALA A 129 16.26 -1.56 4.08
C ALA A 129 15.99 -2.09 2.69
N LYS A 130 16.64 -3.22 2.39
CA LYS A 130 16.46 -3.92 1.15
C LYS A 130 15.89 -5.31 1.47
N ASN A 131 15.02 -5.81 0.60
CA ASN A 131 14.67 -7.22 0.60
C ASN A 131 13.84 -7.62 1.82
N VAL A 132 12.62 -7.12 1.86
CA VAL A 132 11.75 -7.28 3.01
C VAL A 132 10.40 -7.82 2.53
N ILE A 133 9.89 -8.83 3.24
CA ILE A 133 8.54 -9.32 3.02
C ILE A 133 7.74 -9.23 4.30
N LEU A 134 6.55 -8.60 4.20
CA LEU A 134 5.59 -8.52 5.31
C LEU A 134 4.35 -9.24 4.83
N THR A 135 3.92 -10.29 5.54
CA THR A 135 2.74 -11.03 5.09
C THR A 135 1.86 -11.47 6.27
N HIS A 136 0.53 -11.32 6.07
CA HIS A 136 -0.46 -11.90 7.00
C HIS A 136 -0.29 -11.35 8.43
N LEU A 137 -0.40 -10.03 8.52
CA LEU A 137 -0.38 -9.31 9.79
C LEU A 137 -1.50 -8.27 9.81
N THR A 138 -2.08 -8.05 10.98
CA THR A 138 -3.03 -6.98 11.23
C THR A 138 -2.32 -5.89 11.98
N ILE A 139 -2.53 -4.64 11.55
CA ILE A 139 -2.01 -3.48 12.25
C ILE A 139 -3.14 -2.47 12.40
N ASP A 140 -3.50 -2.18 13.64
CA ASP A 140 -4.62 -1.32 13.97
C ASP A 140 -4.10 -0.22 14.90
N GLY A 141 -4.00 1.00 14.36
CA GLY A 141 -3.50 2.10 15.17
C GLY A 141 -4.40 2.57 16.29
N ARG A 142 -5.69 2.26 16.16
CA ARG A 142 -6.71 2.74 17.10
C ARG A 142 -6.77 4.27 17.26
N LEU A 143 -6.20 5.00 16.31
CA LEU A 143 -6.03 6.45 16.37
C LEU A 143 -5.27 6.90 17.63
N THR A 144 -4.45 6.02 18.21
CA THR A 144 -3.79 6.32 19.48
C THR A 144 -2.74 7.40 19.37
N ARG A 145 -1.88 7.33 18.37
CA ARG A 145 -0.80 8.32 18.24
C ARG A 145 -0.47 8.59 16.77
N LEU A 146 0.26 9.68 16.53
CA LEU A 146 0.62 10.07 15.17
C LEU A 146 1.79 9.23 14.68
N THR A 147 1.46 8.17 13.96
CA THR A 147 2.45 7.19 13.47
C THR A 147 1.90 6.56 12.16
N GLN A 148 2.59 5.54 11.66
CA GLN A 148 2.25 4.88 10.41
C GLN A 148 2.16 3.39 10.61
N ALA A 149 1.28 2.74 9.85
CA ALA A 149 1.21 1.29 9.90
C ALA A 149 2.36 0.59 9.16
N VAL A 150 2.66 1.06 7.95
CA VAL A 150 3.77 0.53 7.16
C VAL A 150 4.45 1.70 6.48
N ASN A 151 5.67 2.01 6.88
CA ASN A 151 6.37 3.18 6.35
C ASN A 151 7.60 2.70 5.60
N VAL A 152 7.55 2.73 4.27
CA VAL A 152 8.66 2.29 3.44
C VAL A 152 9.33 3.58 2.97
N ALA A 153 10.50 3.89 3.51
CA ALA A 153 11.09 5.21 3.30
C ALA A 153 12.60 5.17 3.34
N ASN A 154 13.20 6.14 2.66
CA ASN A 154 14.63 6.47 2.76
C ASN A 154 15.50 5.40 2.12
N ASP A 155 15.41 5.30 0.80
N ASP A 155 15.44 5.28 0.79
CA ASP A 155 16.25 4.40 -0.02
CA ASP A 155 16.30 4.34 0.05
C ASP A 155 15.96 2.90 0.23
C ASP A 155 16.03 2.91 0.50
N SER A 156 14.75 2.58 0.67
CA SER A 156 14.35 1.18 0.81
C SER A 156 14.00 0.58 -0.55
N ARG A 157 14.28 -0.71 -0.76
CA ARG A 157 14.02 -1.31 -2.07
C ARG A 157 13.70 -2.77 -1.93
N ASP A 158 12.91 -3.28 -2.89
CA ASP A 158 12.58 -4.74 -2.96
C ASP A 158 11.81 -5.15 -1.73
N VAL A 159 10.60 -4.61 -1.66
CA VAL A 159 9.72 -4.76 -0.51
C VAL A 159 8.36 -5.28 -0.99
N TRP A 160 7.88 -6.33 -0.32
CA TRP A 160 6.61 -6.94 -0.65
C TRP A 160 5.73 -6.89 0.59
N VAL A 161 4.58 -6.20 0.46
CA VAL A 161 3.58 -6.04 1.51
C VAL A 161 2.37 -6.84 1.05
N ASP A 162 2.04 -7.92 1.78
CA ASP A 162 1.11 -8.94 1.29
C ASP A 162 0.09 -9.35 2.34
N HIS A 163 -1.20 -9.36 1.98
CA HIS A 163 -2.21 -9.89 2.91
C HIS A 163 -2.10 -9.24 4.29
N MET A 164 -1.94 -7.92 4.29
N MET A 164 -1.97 -7.92 4.29
CA MET A 164 -2.00 -7.14 5.53
CA MET A 164 -2.02 -7.16 5.53
C MET A 164 -3.42 -6.62 5.74
C MET A 164 -3.42 -6.60 5.74
N ASP A 165 -3.73 -6.30 7.00
CA ASP A 165 -4.99 -5.65 7.38
C ASP A 165 -4.60 -4.42 8.16
N LEU A 166 -4.80 -3.23 7.56
CA LEU A 166 -4.27 -1.98 8.07
C LEU A 166 -5.43 -0.99 8.33
N SER A 167 -5.48 -0.42 9.52
CA SER A 167 -6.57 0.49 9.87
C SER A 167 -6.20 1.49 10.96
N ARG A 168 -7.00 2.57 11.03
CA ARG A 168 -7.08 3.51 12.14
C ARG A 168 -5.74 4.10 12.50
N MET A 169 -5.10 4.72 11.50
CA MET A 169 -3.90 5.53 11.76
C MET A 169 -4.24 7.00 11.57
N SER A 170 -3.91 7.77 12.58
CA SER A 170 -4.15 9.20 12.56
C SER A 170 -3.22 9.96 11.61
N ASP A 171 -2.06 9.38 11.28
CA ASP A 171 -1.20 9.88 10.22
C ASP A 171 -1.45 9.07 8.95
N ARG A 172 -0.87 7.88 8.83
CA ARG A 172 -0.85 7.17 7.54
C ARG A 172 -0.96 5.67 7.69
N LEU A 173 -1.68 5.00 6.78
CA LEU A 173 -1.59 3.54 6.73
C LEU A 173 -0.32 3.09 6.05
N LEU A 174 0.00 3.64 4.88
CA LEU A 174 1.19 3.17 4.16
C LEU A 174 1.80 4.31 3.36
N ASN A 175 3.13 4.44 3.46
CA ASN A 175 3.92 5.29 2.57
C ASN A 175 4.94 4.44 1.81
N VAL A 176 5.18 4.84 0.55
CA VAL A 176 6.43 4.48 -0.15
C VAL A 176 7.02 5.83 -0.54
N LYS A 177 8.17 6.21 0.03
CA LYS A 177 8.64 7.57 -0.17
C LYS A 177 10.15 7.73 -0.02
N ASN A 178 10.65 8.91 -0.39
CA ASN A 178 12.04 9.31 -0.15
C ASN A 178 13.03 8.30 -0.76
N GLY A 179 12.99 8.19 -2.07
CA GLY A 179 13.96 7.36 -2.81
C GLY A 179 13.77 5.88 -2.69
N SER A 180 12.58 5.44 -2.29
CA SER A 180 12.29 4.02 -2.17
C SER A 180 11.67 3.52 -3.46
N THR A 181 11.89 2.25 -3.77
CA THR A 181 11.43 1.68 -5.05
C THR A 181 11.33 0.17 -4.99
N ASP A 182 10.73 -0.38 -6.04
CA ASP A 182 10.61 -1.82 -6.25
C ASP A 182 9.81 -2.45 -5.15
N VAL A 183 8.54 -2.04 -5.14
CA VAL A 183 7.59 -2.42 -4.10
C VAL A 183 6.32 -3.02 -4.72
N THR A 184 5.88 -4.13 -4.16
CA THR A 184 4.56 -4.68 -4.48
C THR A 184 3.71 -4.66 -3.20
N ILE A 185 2.48 -4.17 -3.33
CA ILE A 185 1.46 -4.20 -2.29
C ILE A 185 0.32 -5.04 -2.86
N SER A 186 0.08 -6.19 -2.23
CA SER A 186 -0.86 -7.17 -2.74
C SER A 186 -1.83 -7.63 -1.67
N TRP A 187 -3.07 -7.84 -2.11
CA TRP A 187 -4.06 -8.56 -1.29
C TRP A 187 -4.20 -7.94 0.13
N THR A 188 -4.06 -6.62 0.24
CA THR A 188 -4.07 -5.95 1.51
C THR A 188 -5.37 -5.14 1.66
N LYS A 189 -5.93 -5.21 2.87
CA LYS A 189 -7.17 -4.49 3.20
C LYS A 189 -6.77 -3.23 4.01
N PHE A 190 -7.05 -2.09 3.39
CA PHE A 190 -6.89 -0.77 3.98
C PHE A 190 -8.28 -0.31 4.36
N HIS A 191 -8.51 -0.05 5.65
CA HIS A 191 -9.89 0.28 6.07
C HIS A 191 -9.91 1.16 7.28
N ASN A 192 -11.05 1.87 7.42
CA ASN A 192 -11.31 2.66 8.59
C ASN A 192 -10.15 3.56 8.92
N SER A 193 -9.80 4.40 7.96
CA SER A 193 -8.74 5.35 8.15
C SER A 193 -8.95 6.51 7.20
N ASN A 194 -8.30 7.63 7.53
CA ASN A 194 -8.46 8.88 6.79
C ASN A 194 -7.51 8.95 5.59
N LYS A 195 -6.27 9.39 5.83
CA LYS A 195 -5.27 9.54 4.76
C LYS A 195 -4.50 8.24 4.60
N VAL A 196 -4.88 7.45 3.60
CA VAL A 196 -4.46 6.05 3.53
C VAL A 196 -3.03 5.86 3.05
N MET A 197 -2.74 6.30 1.83
CA MET A 197 -1.49 5.88 1.17
C MET A 197 -0.86 7.01 0.38
N LEU A 198 0.44 7.25 0.61
CA LEU A 198 1.20 8.16 -0.20
C LEU A 198 2.24 7.37 -0.98
N LEU A 199 2.29 7.59 -2.28
CA LEU A 199 3.38 7.12 -3.15
C LEU A 199 4.16 8.36 -3.52
N ASN A 200 5.23 8.57 -2.77
CA ASN A 200 6.04 9.79 -2.67
C ASN A 200 5.31 10.90 -1.93
N ASN A 201 6.10 11.76 -1.32
CA ASN A 201 5.60 12.96 -0.67
C ASN A 201 6.21 14.19 -1.28
N ILE A 202 5.83 15.36 -0.77
CA ILE A 202 6.36 16.64 -1.19
C ILE A 202 6.78 17.38 0.07
N THR A 203 8.07 17.70 0.18
CA THR A 203 8.63 18.36 1.37
C THR A 203 9.37 19.67 1.04
N SER A 204 9.18 20.16 -0.18
CA SER A 204 9.81 21.39 -0.62
C SER A 204 8.79 22.26 -1.32
N LYS A 205 9.04 23.57 -1.25
CA LYS A 205 8.18 24.55 -1.93
C LYS A 205 8.29 24.37 -3.44
N ASN A 206 9.51 24.16 -3.94
CA ASN A 206 9.69 23.77 -5.35
C ASN A 206 9.21 22.33 -5.52
N LEU A 207 8.12 22.15 -6.26
CA LEU A 207 7.42 20.88 -6.28
C LEU A 207 8.25 19.74 -6.87
N PHE A 208 9.24 20.06 -7.73
CA PHE A 208 10.06 19.05 -8.37
C PHE A 208 11.48 18.95 -7.81
N GLN A 209 11.73 19.57 -6.68
CA GLN A 209 13.08 19.59 -6.12
C GLN A 209 13.64 18.19 -5.88
N ASN A 210 12.79 17.25 -5.46
CA ASN A 210 13.23 15.89 -5.18
C ASN A 210 12.80 14.94 -6.27
N TYR A 211 12.56 15.45 -7.49
CA TYR A 211 12.12 14.60 -8.57
C TYR A 211 13.15 13.54 -8.95
N GLU A 212 14.42 13.93 -9.08
CA GLU A 212 15.43 12.92 -9.46
C GLU A 212 15.44 11.76 -8.45
N ARG A 213 15.35 12.11 -7.17
CA ARG A 213 15.36 11.14 -6.09
C ARG A 213 14.12 10.23 -6.10
N ASP A 214 12.94 10.82 -6.30
CA ASP A 214 11.68 10.10 -6.09
C ASP A 214 11.05 9.56 -7.36
N SER A 215 11.46 10.07 -8.53
CA SER A 215 10.91 9.57 -9.78
C SER A 215 11.29 8.13 -10.06
N ILE A 216 12.29 7.61 -9.37
CA ILE A 216 12.69 6.22 -9.53
C ILE A 216 11.74 5.24 -8.83
N ALA A 217 10.76 5.74 -8.07
CA ALA A 217 9.83 4.86 -7.36
C ALA A 217 9.01 4.05 -8.35
N ARG A 218 9.02 2.75 -8.17
CA ARG A 218 8.26 1.82 -8.96
C ARG A 218 7.45 0.96 -8.03
N VAL A 219 6.12 1.08 -8.10
CA VAL A 219 5.24 0.43 -7.15
C VAL A 219 4.08 -0.24 -7.86
N THR A 220 3.85 -1.52 -7.55
CA THR A 220 2.70 -2.28 -8.04
C THR A 220 1.70 -2.47 -6.91
N LEU A 221 0.42 -2.19 -7.18
CA LEU A 221 -0.68 -2.45 -6.25
C LEU A 221 -1.65 -3.39 -6.94
N HIS A 222 -1.90 -4.57 -6.37
CA HIS A 222 -2.89 -5.46 -6.97
C HIS A 222 -3.68 -6.21 -5.92
N HIS A 223 -4.96 -6.43 -6.25
CA HIS A 223 -5.88 -7.21 -5.42
C HIS A 223 -6.03 -6.65 -4.01
N ASN A 224 -5.84 -5.33 -3.85
CA ASN A 224 -6.07 -4.69 -2.57
C ASN A 224 -7.54 -4.25 -2.45
N TYR A 225 -7.92 -3.99 -1.20
CA TYR A 225 -9.30 -3.58 -0.86
C TYR A 225 -9.19 -2.34 -0.02
N PHE A 226 -9.67 -1.22 -0.54
CA PHE A 226 -9.70 0.06 0.18
C PHE A 226 -11.15 0.32 0.56
N PHE A 227 -11.47 0.07 1.82
CA PHE A 227 -12.87 -0.02 2.28
C PHE A 227 -13.09 0.92 3.45
N ASN A 228 -14.14 1.75 3.38
CA ASN A 228 -14.43 2.66 4.47
C ASN A 228 -13.21 3.53 4.83
N THR A 229 -12.59 4.11 3.81
CA THR A 229 -11.53 5.06 4.02
C THR A 229 -11.96 6.43 3.54
N VAL A 230 -11.17 7.45 3.83
CA VAL A 230 -11.53 8.83 3.44
C VAL A 230 -10.91 9.24 2.11
N GLN A 231 -9.58 9.11 2.00
CA GLN A 231 -8.87 9.71 0.91
C GLN A 231 -7.49 9.04 0.71
N ARG A 232 -6.84 9.39 -0.39
CA ARG A 232 -5.50 8.92 -0.72
C ARG A 232 -5.43 7.42 -0.90
N ASN A 233 -6.16 6.92 -1.90
CA ASN A 233 -6.28 5.48 -2.13
C ASN A 233 -5.76 5.02 -3.50
N PRO A 234 -4.52 5.36 -3.89
CA PRO A 234 -3.51 6.18 -3.22
C PRO A 234 -3.55 7.61 -3.67
N ARG A 235 -2.69 8.45 -3.06
CA ARG A 235 -2.28 9.73 -3.65
C ARG A 235 -0.85 9.55 -4.13
N ALA A 236 -0.62 9.68 -5.45
CA ALA A 236 0.63 9.27 -6.08
C ALA A 236 1.18 10.38 -6.97
N GLN A 237 2.50 10.60 -6.87
CA GLN A 237 3.20 11.64 -7.60
C GLN A 237 4.59 11.14 -8.01
N PHE A 238 5.06 11.69 -9.14
CA PHE A 238 6.45 11.58 -9.63
C PHE A 238 6.93 10.24 -10.21
N GLY A 239 6.54 9.12 -9.60
CA GLY A 239 7.10 7.83 -9.93
C GLY A 239 6.30 7.05 -10.97
N THR A 240 6.52 5.74 -10.96
CA THR A 240 5.95 4.84 -11.96
C THR A 240 5.13 3.79 -11.20
N PHE A 241 3.84 3.71 -11.54
CA PHE A 241 2.89 2.97 -10.72
C PHE A 241 1.99 2.08 -11.60
N HIS A 242 1.75 0.86 -11.13
CA HIS A 242 0.84 -0.05 -11.81
C HIS A 242 -0.20 -0.51 -10.80
N LEU A 243 -1.45 -0.12 -11.06
CA LEU A 243 -2.56 -0.48 -10.19
C LEU A 243 -3.50 -1.34 -10.97
N PHE A 244 -3.57 -2.62 -10.61
CA PHE A 244 -4.50 -3.50 -11.30
C PHE A 244 -5.31 -4.34 -10.32
N ASN A 245 -6.60 -4.55 -10.64
CA ASN A 245 -7.43 -5.47 -9.92
C ASN A 245 -7.54 -5.12 -8.45
N ASN A 246 -7.64 -3.81 -8.13
CA ASN A 246 -7.95 -3.34 -6.78
C ASN A 246 -9.43 -3.00 -6.68
N LEU A 247 -9.96 -3.08 -5.46
CA LEU A 247 -11.35 -2.71 -5.18
C LEU A 247 -11.34 -1.51 -4.22
N LEU A 248 -11.95 -0.39 -4.65
CA LEU A 248 -12.14 0.80 -3.82
C LEU A 248 -13.62 0.86 -3.55
N GLU A 249 -13.97 0.97 -2.27
CA GLU A 249 -15.39 0.81 -1.92
C GLU A 249 -15.72 1.68 -0.71
N ASN A 250 -16.75 2.51 -0.87
CA ASN A 250 -17.31 3.27 0.25
C ASN A 250 -16.33 4.25 0.87
N TRP A 251 -15.58 4.94 -0.02
CA TRP A 251 -14.72 6.06 0.42
C TRP A 251 -15.58 7.30 0.71
N ASP A 252 -15.11 8.15 1.64
CA ASP A 252 -15.91 9.31 2.04
C ASP A 252 -15.53 10.63 1.42
N PHE A 253 -14.34 10.74 0.81
CA PHE A 253 -13.92 12.03 0.24
C PHE A 253 -13.47 11.83 -1.22
N TYR A 254 -12.43 11.04 -1.45
CA TYR A 254 -12.06 10.68 -2.82
C TYR A 254 -11.33 9.36 -2.83
N GLY A 255 -11.32 8.72 -4.01
CA GLY A 255 -10.66 7.43 -4.18
C GLY A 255 -9.16 7.64 -4.44
N MET A 256 -8.80 7.74 -5.72
CA MET A 256 -7.40 7.93 -6.12
C MET A 256 -7.07 9.37 -6.45
N SER A 257 -5.76 9.67 -6.42
CA SER A 257 -5.23 10.94 -6.90
C SER A 257 -3.89 10.72 -7.53
N PHE A 258 -3.69 11.32 -8.71
CA PHE A 258 -2.39 11.31 -9.39
C PHE A 258 -2.02 12.73 -9.78
N SER A 259 -0.71 13.05 -9.72
CA SER A 259 -0.23 14.35 -10.14
C SER A 259 1.25 14.33 -10.39
N LEU A 260 1.72 15.44 -10.95
CA LEU A 260 3.16 15.79 -10.96
C LEU A 260 4.00 14.71 -11.63
N GLU A 261 3.59 14.35 -12.84
CA GLU A 261 4.29 13.37 -13.65
C GLU A 261 4.50 12.01 -12.99
N ALA A 262 3.56 11.62 -12.14
CA ALA A 262 3.34 10.21 -11.91
C ALA A 262 3.03 9.62 -13.28
N LYS A 263 3.49 8.38 -13.49
CA LYS A 263 3.22 7.63 -14.71
C LYS A 263 2.53 6.35 -14.25
N ALA A 264 1.26 6.18 -14.62
CA ALA A 264 0.47 5.11 -14.07
C ALA A 264 -0.37 4.40 -15.08
N LEU A 265 -0.31 3.07 -15.01
CA LEU A 265 -1.21 2.18 -15.71
C LEU A 265 -2.23 1.70 -14.69
N VAL A 266 -3.48 2.07 -14.94
CA VAL A 266 -4.57 1.88 -13.97
C VAL A 266 -5.61 1.03 -14.70
N GLU A 267 -5.64 -0.26 -14.37
CA GLU A 267 -6.41 -1.22 -15.18
C GLU A 267 -7.09 -2.29 -14.36
N GLY A 268 -8.33 -2.61 -14.72
CA GLY A 268 -9.01 -3.72 -14.08
C GLY A 268 -9.42 -3.49 -12.63
N ASN A 269 -9.49 -2.23 -12.23
CA ASN A 269 -9.88 -1.89 -10.85
C ASN A 269 -11.39 -1.72 -10.79
N ILE A 270 -11.92 -1.77 -9.59
CA ILE A 270 -13.38 -1.68 -9.38
C ILE A 270 -13.61 -0.58 -8.33
N PHE A 271 -14.46 0.39 -8.69
CA PHE A 271 -14.86 1.48 -7.80
C PHE A 271 -16.37 1.28 -7.53
N ASN A 272 -16.71 1.17 -6.24
CA ASN A 272 -18.12 0.96 -5.90
C ASN A 272 -18.44 1.89 -4.74
N ASN A 273 -19.56 2.64 -4.86
CA ASN A 273 -19.91 3.53 -3.77
C ASN A 273 -21.40 3.84 -3.88
N ASP A 274 -21.94 4.39 -2.82
CA ASP A 274 -23.37 4.74 -2.71
C ASP A 274 -23.41 6.07 -1.96
N ALA A 275 -24.17 7.03 -2.48
CA ALA A 275 -24.27 8.35 -1.92
C ALA A 275 -25.10 8.42 -0.68
N GLN A 276 -25.93 7.40 -0.41
CA GLN A 276 -26.82 7.33 0.75
C GLN A 276 -26.40 6.12 1.56
N ARG A 277 -25.43 6.34 2.43
CA ARG A 277 -25.13 5.33 3.43
C ARG A 277 -24.71 5.99 4.73
N LYS A 278 -24.78 5.18 5.77
CA LYS A 278 -24.47 5.60 7.13
C LYS A 278 -22.98 5.85 7.25
N CYS A 279 -22.62 6.89 7.97
CA CYS A 279 -21.21 7.18 8.17
C CYS A 279 -20.64 6.27 9.26
N VAL A 280 -19.45 5.73 9.01
CA VAL A 280 -18.74 4.92 9.99
C VAL A 280 -17.43 5.53 10.47
N GLU A 281 -17.16 6.79 10.12
CA GLU A 281 -15.97 7.49 10.61
C GLU A 281 -16.09 7.75 12.11
N PRO A 282 -14.95 7.87 12.81
CA PRO A 282 -15.01 8.39 14.17
C PRO A 282 -15.61 9.80 14.24
N GLU A 283 -16.05 10.24 15.43
N GLU A 283 -16.03 10.24 15.43
CA GLU A 283 -16.67 11.56 15.53
CA GLU A 283 -16.67 11.56 15.54
C GLU A 283 -15.67 12.64 15.15
C GLU A 283 -15.68 12.68 15.22
N PHE A 284 -14.41 12.44 15.52
CA PHE A 284 -13.34 13.44 15.30
C PHE A 284 -12.02 12.70 15.02
N TYR A 285 -11.10 13.43 14.39
CA TYR A 285 -9.73 12.95 14.17
C TYR A 285 -8.75 13.77 14.97
N PRO A 286 -7.81 13.10 15.65
CA PRO A 286 -6.72 13.87 16.29
C PRO A 286 -5.70 14.29 15.25
N THR A 287 -5.23 15.53 15.36
CA THR A 287 -4.25 16.08 14.43
C THR A 287 -3.21 16.92 15.17
N VAL A 288 -2.17 17.31 14.43
CA VAL A 288 -1.15 18.17 15.03
C VAL A 288 -1.71 19.50 15.55
N GLU A 289 -2.74 20.03 14.90
CA GLU A 289 -3.33 21.34 15.25
C GLU A 289 -4.53 21.18 16.18
N GLY A 290 -4.83 19.95 16.59
CA GLY A 290 -5.95 19.65 17.47
C GLY A 290 -7.00 18.79 16.78
N ILE A 291 -8.19 18.83 17.30
CA ILE A 291 -9.25 17.92 16.93
C ILE A 291 -9.88 18.45 15.65
N ASN A 292 -10.10 17.56 14.68
CA ASN A 292 -10.75 17.93 13.41
C ASN A 292 -12.04 17.16 13.26
N VAL A 293 -13.04 17.83 12.69
CA VAL A 293 -14.27 17.14 12.26
C VAL A 293 -14.02 16.04 11.23
N ASN A 294 -14.99 15.13 11.16
CA ASN A 294 -14.89 14.04 10.20
C ASN A 294 -15.38 14.46 8.80
N TYR A 295 -15.36 13.52 7.86
CA TYR A 295 -15.70 13.78 6.49
C TYR A 295 -17.06 13.22 6.12
N CYS A 296 -17.89 12.93 7.12
CA CYS A 296 -19.19 12.31 6.82
C CYS A 296 -20.06 13.18 5.90
N ARG A 297 -19.95 14.50 6.00
N ARG A 297 -19.94 14.50 6.01
CA ARG A 297 -20.78 15.37 5.16
CA ARG A 297 -20.72 15.41 5.18
C ARG A 297 -20.48 15.24 3.69
C ARG A 297 -20.47 15.24 3.69
N TYR A 298 -19.32 14.67 3.35
CA TYR A 298 -18.97 14.47 1.94
C TYR A 298 -19.45 13.18 1.30
N ILE A 299 -20.04 12.29 2.09
CA ILE A 299 -20.57 11.04 1.53
C ILE A 299 -21.42 11.22 0.26
N PRO A 300 -22.35 12.20 0.24
CA PRO A 300 -23.18 12.29 -0.95
C PRO A 300 -22.45 12.72 -2.22
N ILE A 301 -21.28 13.35 -2.10
CA ILE A 301 -20.52 13.74 -3.29
C ILE A 301 -19.32 12.83 -3.57
N ALA A 302 -19.03 11.93 -2.64
CA ALA A 302 -17.88 11.03 -2.81
C ALA A 302 -17.91 10.10 -4.00
N PRO A 303 -19.08 9.51 -4.34
CA PRO A 303 -19.06 8.53 -5.45
C PRO A 303 -18.58 9.10 -6.78
N ALA A 304 -18.92 10.34 -7.05
CA ALA A 304 -18.49 11.01 -8.28
C ALA A 304 -17.00 11.33 -8.27
N ARG A 305 -16.38 11.26 -7.10
CA ARG A 305 -14.95 11.47 -6.90
C ARG A 305 -14.20 10.14 -6.72
N SER A 306 -14.44 9.23 -7.67
CA SER A 306 -13.66 8.00 -7.78
C SER A 306 -12.16 8.31 -7.81
N ALA A 307 -11.84 9.42 -8.45
CA ALA A 307 -10.55 10.05 -8.31
C ALA A 307 -10.74 11.55 -8.27
N LEU A 308 -9.75 12.28 -7.75
CA LEU A 308 -9.63 13.68 -8.10
C LEU A 308 -9.37 13.77 -9.59
N ASP A 309 -9.73 14.90 -10.19
CA ASP A 309 -9.34 15.14 -11.58
C ASP A 309 -7.79 15.08 -11.63
N ASN A 310 -7.26 14.60 -12.74
CA ASN A 310 -5.81 14.44 -12.92
C ASN A 310 -5.11 15.77 -12.62
N GLY A 311 -4.17 15.74 -11.68
CA GLY A 311 -3.39 16.90 -11.29
C GLY A 311 -4.02 17.79 -10.23
N ASP A 312 -5.27 17.54 -9.83
CA ASP A 312 -5.95 18.45 -8.91
C ASP A 312 -5.33 18.55 -7.54
N SER A 313 -4.66 17.49 -7.10
CA SER A 313 -4.04 17.51 -5.75
C SER A 313 -3.03 18.63 -5.57
N ASP A 314 -2.26 18.93 -6.62
CA ASP A 314 -1.19 19.95 -6.55
C ASP A 314 -1.32 21.09 -7.54
N ARG A 315 -2.46 21.18 -8.22
CA ARG A 315 -2.64 22.19 -9.27
C ARG A 315 -2.54 23.62 -8.74
N GLY A 316 -3.14 23.84 -7.58
CA GLY A 316 -3.11 25.19 -7.02
C GLY A 316 -1.69 25.65 -6.71
N ALA A 317 -0.93 24.79 -6.05
CA ALA A 317 0.47 25.10 -5.74
C ALA A 317 1.29 25.26 -7.02
N TYR A 318 1.08 24.35 -7.97
CA TYR A 318 1.77 24.46 -9.26
C TYR A 318 1.49 25.80 -10.00
N GLU A 319 0.20 26.14 -10.05
CA GLU A 319 -0.14 27.38 -10.74
C GLU A 319 0.38 28.61 -10.02
N LYS A 320 0.42 28.58 -8.69
CA LYS A 320 0.96 29.72 -7.94
C LYS A 320 2.47 29.84 -8.05
N ARG A 321 3.16 28.72 -8.16
CA ARG A 321 4.64 28.69 -8.09
C ARG A 321 5.34 28.60 -9.44
N LYS A 322 4.60 28.33 -10.51
CA LYS A 322 5.24 28.10 -11.80
C LYS A 322 5.91 29.35 -12.36
N ALA A 323 5.38 30.52 -12.01
CA ALA A 323 6.02 31.76 -12.46
C ALA A 323 7.47 31.88 -11.95
N ASP A 324 7.61 31.57 -10.65
CA ASP A 324 8.95 31.78 -10.06
C ASP A 324 9.80 30.50 -10.29
N HIS A 325 9.21 29.32 -10.50
CA HIS A 325 10.02 28.10 -10.61
C HIS A 325 10.24 27.59 -12.01
N GLY A 326 9.42 28.05 -12.96
CA GLY A 326 9.64 27.70 -14.34
C GLY A 326 9.49 26.25 -14.69
N TYR A 327 8.55 25.56 -14.03
CA TYR A 327 8.40 24.14 -14.18
C TYR A 327 8.20 23.77 -15.63
N THR A 328 8.96 22.79 -16.09
CA THR A 328 8.72 22.18 -17.40
C THR A 328 8.04 20.84 -17.30
N ARG A 329 8.09 20.21 -16.13
CA ARG A 329 7.31 19.01 -15.91
C ARG A 329 5.85 19.35 -15.68
N ASP A 330 5.00 18.41 -16.06
CA ASP A 330 3.54 18.59 -16.07
C ASP A 330 2.99 18.59 -14.65
N PHE A 331 1.93 19.37 -14.42
CA PHE A 331 1.19 19.23 -13.18
C PHE A 331 0.36 17.96 -13.14
N LYS A 332 0.00 17.44 -14.31
CA LYS A 332 -0.72 16.21 -14.45
C LYS A 332 0.17 14.99 -14.47
N ALA A 333 -0.42 13.86 -14.15
CA ALA A 333 0.16 12.54 -14.32
C ALA A 333 -0.08 12.02 -15.72
N PHE A 334 0.82 11.16 -16.19
CA PHE A 334 0.64 10.46 -17.46
C PHE A 334 -0.07 9.14 -17.16
N LEU A 335 -1.28 9.00 -17.69
CA LEU A 335 -2.19 7.92 -17.33
C LEU A 335 -2.68 7.16 -18.52
N ARG A 336 -2.69 5.84 -18.35
CA ARG A 336 -3.36 4.92 -19.24
C ARG A 336 -4.32 4.11 -18.40
N LEU A 337 -5.60 4.20 -18.77
CA LEU A 337 -6.68 3.54 -18.03
C LEU A 337 -7.36 2.52 -18.92
N LYS A 338 -7.60 1.33 -18.38
CA LYS A 338 -8.26 0.26 -19.16
C LYS A 338 -9.15 -0.58 -18.24
N ASP A 339 -10.39 -0.83 -18.65
CA ASP A 339 -11.22 -1.87 -18.02
C ASP A 339 -11.41 -1.64 -16.54
N ASN A 340 -11.67 -0.40 -16.14
CA ASN A 340 -12.03 -0.13 -14.75
C ASN A 340 -13.56 -0.02 -14.62
N LEU A 341 -14.09 -0.57 -13.55
CA LEU A 341 -15.55 -0.52 -13.31
C LEU A 341 -15.91 0.60 -12.33
N TYR A 342 -17.11 1.14 -12.57
CA TYR A 342 -17.70 2.19 -11.77
C TYR A 342 -19.13 1.76 -11.48
N LEU A 343 -19.27 1.24 -10.24
CA LEU A 343 -20.50 0.55 -9.84
C LEU A 343 -21.22 1.38 -8.76
N GLY A 344 -22.52 1.11 -8.68
CA GLY A 344 -23.39 1.86 -7.77
C GLY A 344 -23.49 3.30 -8.25
N ASP A 345 -23.23 4.21 -7.34
CA ASP A 345 -23.19 5.63 -7.67
C ASP A 345 -21.80 6.09 -8.12
N ALA A 346 -20.80 5.23 -8.10
CA ALA A 346 -19.47 5.66 -8.49
C ALA A 346 -19.46 6.05 -9.96
N LYS A 347 -18.70 7.09 -10.30
CA LYS A 347 -18.61 7.59 -11.66
C LYS A 347 -17.16 7.70 -12.11
N PRO A 348 -16.89 7.49 -13.40
CA PRO A 348 -15.53 7.67 -13.92
C PRO A 348 -15.08 9.12 -13.85
N VAL A 349 -13.80 9.30 -13.57
CA VAL A 349 -13.18 10.60 -13.58
C VAL A 349 -11.94 10.58 -14.48
N LEU A 350 -11.02 9.68 -14.14
CA LEU A 350 -9.74 9.63 -14.83
C LEU A 350 -9.88 9.19 -16.27
N LYS A 351 -9.17 9.89 -17.16
CA LYS A 351 -9.09 9.51 -18.55
C LYS A 351 -7.63 9.50 -18.98
N ASP A 352 -7.40 8.85 -20.11
CA ASP A 352 -6.04 8.77 -20.63
C ASP A 352 -5.49 10.18 -20.80
N TYR A 353 -4.24 10.37 -20.43
CA TYR A 353 -3.53 11.66 -20.65
C TYR A 353 -2.08 11.31 -20.87
N ARG A 354 -1.56 11.65 -22.05
CA ARG A 354 -0.25 11.20 -22.47
C ARG A 354 -0.06 9.70 -22.15
N PRO A 355 -1.01 8.83 -22.60
CA PRO A 355 -0.92 7.41 -22.24
C PRO A 355 0.33 6.71 -22.77
N GLU A 356 0.90 7.25 -23.86
CA GLU A 356 2.16 6.82 -24.45
C GLU A 356 3.33 6.87 -23.47
N SER A 357 3.23 7.74 -22.46
CA SER A 357 4.26 7.91 -21.45
C SER A 357 3.98 7.15 -20.14
N ALA A 358 2.81 6.49 -20.05
CA ALA A 358 2.49 5.61 -18.93
C ALA A 358 3.27 4.30 -19.08
N PRO A 359 3.48 3.56 -17.98
CA PRO A 359 4.32 2.37 -18.08
C PRO A 359 3.67 1.21 -18.77
N THR A 360 4.51 0.40 -19.37
CA THR A 360 4.12 -0.92 -19.87
C THR A 360 5.06 -1.81 -19.07
N PRO A 361 4.58 -2.33 -17.92
CA PRO A 361 5.46 -2.96 -17.00
C PRO A 361 6.27 -4.07 -17.64
N SER A 362 7.55 -4.13 -17.32
CA SER A 362 8.45 -5.12 -17.91
C SER A 362 8.19 -6.55 -17.40
N TYR A 363 7.39 -6.71 -16.35
CA TYR A 363 7.19 -7.98 -15.67
C TYR A 363 5.93 -8.68 -16.14
N CYS A 364 5.87 -9.97 -15.83
CA CYS A 364 4.70 -10.77 -16.04
C CYS A 364 3.74 -10.66 -14.87
N TYR A 365 2.46 -10.45 -15.13
CA TYR A 365 1.49 -10.35 -14.05
C TYR A 365 0.16 -11.02 -14.36
N GLY A 366 -0.52 -11.47 -13.30
CA GLY A 366 -1.77 -12.22 -13.41
C GLY A 366 -2.99 -11.32 -13.36
N TYR A 367 -3.28 -10.76 -14.51
CA TYR A 367 -4.39 -9.80 -14.65
C TYR A 367 -5.71 -10.55 -14.83
N GLU A 368 -6.74 -10.14 -14.09
CA GLU A 368 -8.08 -10.71 -14.22
C GLU A 368 -9.01 -9.68 -14.83
N LYS A 369 -9.94 -10.14 -15.66
CA LYS A 369 -10.99 -9.26 -16.16
C LYS A 369 -11.76 -8.67 -14.97
N ALA A 370 -12.00 -7.38 -15.03
CA ALA A 370 -12.77 -6.70 -13.94
C ALA A 370 -14.26 -7.04 -14.08
N THR A 371 -14.80 -7.69 -13.05
CA THR A 371 -16.19 -8.16 -13.02
C THR A 371 -16.68 -8.05 -11.58
N PRO A 372 -18.00 -8.13 -11.35
CA PRO A 372 -18.48 -8.24 -9.97
C PRO A 372 -17.96 -9.48 -9.24
N GLU A 373 -17.65 -10.56 -9.96
CA GLU A 373 -17.10 -11.75 -9.34
C GLU A 373 -15.68 -11.49 -8.80
N LEU A 374 -14.90 -10.69 -9.51
CA LEU A 374 -13.60 -10.25 -9.00
C LEU A 374 -13.73 -9.43 -7.72
N ALA A 375 -14.67 -8.48 -7.70
CA ALA A 375 -14.90 -7.73 -6.49
C ALA A 375 -15.21 -8.66 -5.32
N GLU A 376 -16.05 -9.68 -5.54
CA GLU A 376 -16.37 -10.65 -4.48
C GLU A 376 -15.13 -11.40 -3.99
N LYS A 377 -14.28 -11.80 -4.92
CA LYS A 377 -13.03 -12.48 -4.57
C LYS A 377 -12.13 -11.59 -3.70
N ILE A 378 -12.01 -10.32 -4.08
CA ILE A 378 -11.20 -9.40 -3.31
C ILE A 378 -11.80 -9.23 -1.90
N ARG A 379 -13.12 -9.02 -1.79
CA ARG A 379 -13.67 -8.85 -0.45
C ARG A 379 -13.44 -10.09 0.42
N LYS A 380 -13.43 -11.27 -0.20
CA LYS A 380 -13.28 -12.52 0.54
C LYS A 380 -11.85 -12.75 1.01
N PHE A 381 -10.89 -12.47 0.14
CA PHE A 381 -9.50 -12.86 0.41
C PHE A 381 -8.53 -11.74 0.75
N ALA A 382 -8.81 -10.48 0.40
CA ALA A 382 -7.92 -9.41 0.78
C ALA A 382 -7.87 -9.26 2.30
N GLY A 383 -6.70 -8.92 2.80
CA GLY A 383 -6.47 -8.79 4.23
C GLY A 383 -5.73 -9.97 4.78
N ASN A 384 -5.75 -10.05 6.11
CA ASN A 384 -5.02 -11.08 6.82
C ASN A 384 -5.94 -12.29 6.96
N THR A 385 -6.03 -13.03 5.87
CA THR A 385 -6.99 -14.13 5.74
C THR A 385 -6.33 -15.49 5.75
N SER A 386 -7.11 -16.52 6.04
CA SER A 386 -6.64 -17.93 6.13
C SER A 386 -6.60 -18.68 4.80
N GLY A 387 -7.39 -18.22 3.83
CA GLY A 387 -7.44 -18.88 2.51
C GLY A 387 -6.27 -18.49 1.61
N ASP A 388 -6.02 -19.34 0.62
CA ASP A 388 -4.86 -19.20 -0.28
C ASP A 388 -5.19 -18.37 -1.52
N THR A 389 -4.22 -17.57 -1.96
CA THR A 389 -4.33 -16.72 -3.18
C THR A 389 -3.20 -16.96 -4.18
N PRO A 390 -3.16 -18.18 -4.78
CA PRO A 390 -2.11 -18.42 -5.77
C PRO A 390 -2.35 -17.59 -7.02
N LEU A 391 -1.28 -17.32 -7.78
CA LEU A 391 -1.39 -16.55 -9.01
C LEU A 391 -2.26 -17.32 -10.00
N PRO A 392 -3.09 -16.61 -10.81
CA PRO A 392 -3.87 -17.29 -11.86
C PRO A 392 -3.04 -17.53 -13.13
N ARG A 395 -1.35 -16.35 -16.79
CA ARG A 395 -0.60 -15.09 -16.89
C ARG A 395 -0.07 -14.89 -18.31
N THR A 396 -0.52 -13.83 -18.96
CA THR A 396 -0.03 -13.44 -20.29
C THR A 396 0.44 -12.00 -20.23
N GLY A 397 1.26 -11.63 -21.22
CA GLY A 397 1.79 -10.26 -21.30
C GLY A 397 3.19 -10.14 -21.85
N ALA A 398 3.61 -8.89 -22.06
CA ALA A 398 4.94 -8.57 -22.64
C ALA A 398 6.11 -9.16 -21.85
N GLY A 399 5.97 -9.21 -20.53
CA GLY A 399 6.99 -9.76 -19.65
C GLY A 399 6.90 -11.27 -19.42
N CYS A 400 5.99 -11.96 -20.12
CA CYS A 400 5.79 -13.40 -19.90
C CYS A 400 6.38 -14.24 -21.03
N PRO A 401 7.54 -14.88 -20.79
CA PRO A 401 8.16 -15.67 -21.88
C PRO A 401 7.22 -16.74 -22.44
N GLY A 402 7.07 -16.76 -23.76
CA GLY A 402 6.20 -17.74 -24.45
C GLY A 402 4.75 -17.32 -24.58
N HIS A 403 4.33 -16.32 -23.80
CA HIS A 403 2.91 -15.97 -23.65
C HIS A 403 2.71 -14.46 -23.78
N HIS A 404 3.33 -13.86 -24.81
CA HIS A 404 3.26 -12.40 -24.99
C HIS A 404 1.85 -11.90 -25.30
C11 DJB B . -15.13 18.70 -1.70
C10 DJB B . -13.70 19.25 -1.65
O10 DJB B . -12.82 18.80 -2.38
N2 DJB B . -13.48 20.25 -0.78
C2 DJB B . -12.12 20.82 -0.65
C13 DJB B . -12.43 21.34 3.73
C12 DJB B . -12.27 20.04 2.95
O12 DJB B . -12.44 18.97 3.55
C3 DJB B . -11.83 21.20 0.79
O3 DJB B . -11.91 19.98 1.57
C4 DJB B . -10.43 21.79 0.89
O4 DJB B . -9.44 20.76 0.57
C5 DJB B . -10.36 23.02 -0.05
C6 DJB B . -8.99 23.73 0.05
O6A DJB B . -8.32 23.96 -0.99
O6B DJB B . -8.54 24.08 1.17
O5 DJB B . -10.60 22.61 -1.43
C1 DJB B . -11.91 22.02 -1.63
O1 DJB B . -12.93 22.99 -1.44
C11 DJB B . -5.87 22.05 -2.60
C10 DJB B . -5.84 21.45 -1.19
O10 DJB B . -4.91 21.70 -0.41
N2 DJB B . -6.92 20.69 -0.87
C2 DJB B . -7.07 20.04 0.44
C13 DJB B . -5.24 16.51 -1.98
C12 DJB B . -6.47 17.04 -1.44
O12 DJB B . -7.60 16.63 -1.81
C3 DJB B . -7.40 18.57 0.27
O3 DJB B . -6.28 18.00 -0.46
C4 DJB B . -7.58 17.94 1.66
O4 DJB B . -6.36 18.12 2.45
C5 DJB B . -8.73 18.65 2.38
C6 DJB B . -8.90 18.05 3.78
O6A DJB B . -8.76 16.80 3.96
O6B DJB B . -9.15 18.81 4.76
O5 DJB B . -8.40 20.06 2.51
C1 DJB B . -8.15 20.75 1.27
C11 DJE B . -6.81 18.36 7.19
C10 DJE B . -5.91 17.62 6.19
O10 DJE B . -5.58 16.45 6.39
N2 DJE B . -5.54 18.32 5.15
C2 DJE B . -4.67 17.74 4.12
C3 DJE B . -3.78 18.84 3.51
O3 DJE B . -2.93 19.33 4.50
C4 DJE B . -2.93 18.32 2.37
O4 DJE B . -1.84 17.47 2.85
C5 DJE B . -3.86 17.63 1.35
C6 DJE B . -3.10 17.02 0.19
O6A DJE B . -3.29 15.79 -0.10
O6B DJE B . -2.35 17.79 -0.47
O5 DJE B . -4.73 16.62 1.98
C1 DJE B . -5.54 17.08 3.06
C1 MLI C . 13.01 24.22 1.77
C2 MLI C . 11.58 24.19 1.24
C3 MLI C . 13.97 23.69 0.72
O6 MLI C . 10.68 23.76 1.98
O7 MLI C . 11.31 24.58 0.09
O8 MLI C . 13.89 22.49 0.37
O9 MLI C . 14.82 24.47 0.23
#